data_4ZA1
#
_entry.id   4ZA1
#
_cell.length_a   143.371
_cell.length_b   143.371
_cell.length_c   143.371
_cell.angle_alpha   90.000
_cell.angle_beta   90.000
_cell.angle_gamma   90.000
#
_symmetry.space_group_name_H-M   'P 41 3 2'
#
loop_
_entity.id
_entity.type
_entity.pdbx_description
1 polymer NosA
2 non-polymer 2,3-DIHYDROXY-1,4-DITHIOBUTANE
3 water water
#
_entity_poly.entity_id   1
_entity_poly.type   'polypeptide(L)'
_entity_poly.pdbx_seq_one_letter_code
;MTEHPAQQLYCTVVLWDLSRSAATVASLRAYLRDHAVDAYTTVPGLRQKTWISSTGPEGEQWGAVYLWDSPEAAYGRPPG
VSKVVELIGYRPTERRYYSVEAATEGPAAAAAPFGKGLGLAFDPASPEPLTRPQEFVPPGADAFIPSRPPA
;
_entity_poly.pdbx_strand_id   A,B,C
#
loop_
_chem_comp.id
_chem_comp.type
_chem_comp.name
_chem_comp.formula
DTT non-polymer 2,3-DIHYDROXY-1,4-DITHIOBUTANE 'C4 H10 O2 S2'
#
# COMPACT_ATOMS: atom_id res chain seq x y z
N GLN A 7 -2.18 12.78 -39.12
CA GLN A 7 -2.66 11.39 -38.88
C GLN A 7 -1.65 10.56 -38.08
N GLN A 8 -0.39 10.58 -38.49
CA GLN A 8 0.67 9.92 -37.71
C GLN A 8 0.90 10.61 -36.36
N LEU A 9 0.78 9.85 -35.28
CA LEU A 9 1.03 10.41 -33.96
C LEU A 9 2.30 9.83 -33.33
N TYR A 10 2.87 10.58 -32.40
CA TYR A 10 4.13 10.24 -31.77
C TYR A 10 3.92 10.32 -30.27
N CYS A 11 4.38 9.29 -29.56
CA CYS A 11 4.16 9.17 -28.13
C CYS A 11 5.47 9.31 -27.37
N THR A 12 5.57 10.33 -26.53
CA THR A 12 6.71 10.48 -25.64
C THR A 12 6.28 10.22 -24.19
N VAL A 13 7.06 9.39 -23.50
CA VAL A 13 6.81 9.04 -22.11
C VAL A 13 7.99 9.55 -21.30
N VAL A 14 7.75 10.39 -20.29
CA VAL A 14 8.82 10.79 -19.39
C VAL A 14 8.50 10.28 -17.99
N LEU A 15 9.50 9.72 -17.33
CA LEU A 15 9.30 9.07 -16.04
C LEU A 15 10.30 9.54 -14.98
N TRP A 16 9.82 9.60 -13.74
CA TRP A 16 10.67 9.81 -12.58
C TRP A 16 10.67 8.59 -11.74
N ASP A 17 11.86 8.08 -11.43
CA ASP A 17 12.01 7.10 -10.37
C ASP A 17 11.91 7.89 -9.05
N LEU A 18 10.96 7.53 -8.20
CA LEU A 18 10.69 8.34 -7.00
C LEU A 18 11.46 7.91 -5.76
N SER A 19 12.25 6.86 -5.89
CA SER A 19 12.90 6.27 -4.71
C SER A 19 13.91 7.21 -4.07
N ARG A 20 14.50 8.10 -4.86
CA ARG A 20 15.49 9.06 -4.35
C ARG A 20 14.87 10.37 -3.84
N SER A 21 13.55 10.47 -3.94
CA SER A 21 12.84 11.72 -3.62
C SER A 21 12.02 11.55 -2.37
N ALA A 22 11.79 12.63 -1.62
CA ALA A 22 10.83 12.61 -0.52
C ALA A 22 9.41 12.41 -1.05
N ALA A 23 9.16 12.81 -2.29
CA ALA A 23 7.86 12.65 -2.90
C ALA A 23 7.54 11.18 -3.08
N THR A 24 6.26 10.84 -2.97
CA THR A 24 5.78 9.49 -3.25
C THR A 24 4.61 9.59 -4.21
N VAL A 25 4.18 8.45 -4.74
CA VAL A 25 2.95 8.40 -5.52
C VAL A 25 1.80 8.98 -4.69
N ALA A 26 1.69 8.55 -3.44
CA ALA A 26 0.61 9.03 -2.58
C ALA A 26 0.63 10.55 -2.42
N SER A 27 1.81 11.14 -2.19
CA SER A 27 1.88 12.59 -1.97
C SER A 27 1.71 13.40 -3.27
N LEU A 28 2.23 12.89 -4.39
CA LEU A 28 1.99 13.53 -5.68
C LEU A 28 0.50 13.51 -6.03
N ARG A 29 -0.13 12.36 -5.79
CA ARG A 29 -1.55 12.18 -6.05
C ARG A 29 -2.41 13.11 -5.17
N ALA A 30 -1.99 13.31 -3.92
CA ALA A 30 -2.67 14.22 -3.00
C ALA A 30 -2.58 15.67 -3.46
N TYR A 31 -1.41 16.05 -3.96
CA TYR A 31 -1.20 17.42 -4.46
C TYR A 31 -2.06 17.65 -5.69
N LEU A 32 -2.09 16.66 -6.58
CA LEU A 32 -2.87 16.69 -7.81
C LEU A 32 -4.36 16.83 -7.52
N ARG A 33 -4.83 16.10 -6.52
CA ARG A 33 -6.19 16.16 -6.03
C ARG A 33 -6.59 17.56 -5.56
N ASP A 34 -5.65 18.26 -4.92
CA ASP A 34 -5.92 19.62 -4.42
C ASP A 34 -5.50 20.73 -5.38
N HIS A 35 -4.91 20.35 -6.51
CA HIS A 35 -4.50 21.30 -7.55
C HIS A 35 -4.70 20.68 -8.90
N ALA A 36 -5.97 20.67 -9.35
CA ALA A 36 -6.35 20.03 -10.61
C ALA A 36 -5.57 20.58 -11.80
N VAL A 37 -5.04 19.67 -12.62
CA VAL A 37 -4.40 20.04 -13.89
C VAL A 37 -5.45 20.43 -14.94
N ASP A 38 -4.98 21.03 -16.04
CA ASP A 38 -5.84 21.36 -17.16
C ASP A 38 -6.56 20.11 -17.65
N ALA A 39 -7.89 20.24 -17.85
CA ALA A 39 -8.69 19.18 -18.44
C ALA A 39 -8.43 19.05 -19.94
N TYR A 40 -8.02 20.16 -20.55
CA TYR A 40 -7.77 20.19 -21.99
C TYR A 40 -6.33 20.58 -22.32
N THR A 41 -5.91 20.27 -23.54
CA THR A 41 -4.58 20.61 -24.01
C THR A 41 -4.48 22.07 -24.50
N THR A 42 -3.32 22.64 -24.23
CA THR A 42 -3.04 24.05 -24.45
C THR A 42 -2.04 24.17 -25.60
N VAL A 43 -1.05 23.29 -25.55
CA VAL A 43 0.11 23.32 -26.42
C VAL A 43 -0.23 22.90 -27.85
N PRO A 44 0.02 23.78 -28.82
CA PRO A 44 -0.17 23.43 -30.22
C PRO A 44 0.54 22.12 -30.57
N GLY A 45 -0.16 21.27 -31.33
CA GLY A 45 0.36 19.96 -31.71
C GLY A 45 0.22 18.87 -30.66
N LEU A 46 -0.17 19.23 -29.43
CA LEU A 46 -0.31 18.21 -28.37
C LEU A 46 -1.73 17.69 -28.31
N ARG A 47 -1.92 16.44 -28.71
CA ARG A 47 -3.26 15.84 -28.75
C ARG A 47 -3.74 15.42 -27.38
N GLN A 48 -2.81 14.93 -26.55
CA GLN A 48 -3.19 14.40 -25.26
C GLN A 48 -2.02 14.34 -24.31
N LYS A 49 -2.30 14.65 -23.04
CA LYS A 49 -1.31 14.54 -21.98
C LYS A 49 -1.92 13.76 -20.81
N THR A 50 -1.20 12.74 -20.36
CA THR A 50 -1.70 11.86 -19.31
C THR A 50 -0.64 11.68 -18.21
N TRP A 51 -1.04 11.87 -16.95
CA TRP A 51 -0.19 11.51 -15.80
C TRP A 51 -0.43 10.09 -15.38
N ILE A 52 0.65 9.38 -15.09
CA ILE A 52 0.60 7.97 -14.73
C ILE A 52 1.48 7.72 -13.52
N SER A 53 1.25 6.59 -12.83
CA SER A 53 2.07 6.19 -11.71
C SER A 53 2.17 4.68 -11.64
N SER A 54 3.20 4.19 -10.98
CA SER A 54 3.28 2.77 -10.65
C SER A 54 3.88 2.59 -9.26
N THR A 55 3.56 1.45 -8.65
CA THR A 55 3.97 1.11 -7.28
C THR A 55 4.32 -0.38 -7.21
N GLY A 56 4.58 -0.90 -6.02
CA GLY A 56 4.98 -2.30 -5.88
C GLY A 56 6.49 -2.51 -5.86
N PRO A 57 6.94 -3.77 -5.72
CA PRO A 57 8.36 -4.10 -5.49
C PRO A 57 9.36 -3.46 -6.46
N GLU A 58 8.99 -3.35 -7.73
CA GLU A 58 9.83 -2.70 -8.75
C GLU A 58 10.29 -1.31 -8.32
N GLY A 59 9.43 -0.60 -7.60
CA GLY A 59 9.72 0.75 -7.14
C GLY A 59 8.68 1.74 -7.64
N GLU A 60 8.56 2.87 -6.95
CA GLU A 60 7.56 3.87 -7.29
C GLU A 60 8.00 4.73 -8.46
N GLN A 61 7.04 5.14 -9.28
CA GLN A 61 7.30 5.97 -10.44
C GLN A 61 6.18 6.95 -10.68
N TRP A 62 6.53 8.10 -11.22
CA TRP A 62 5.56 9.07 -11.70
C TRP A 62 5.93 9.33 -13.11
N GLY A 63 4.95 9.69 -13.93
CA GLY A 63 5.26 10.03 -15.30
C GLY A 63 4.20 10.79 -16.05
N ALA A 64 4.58 11.21 -17.25
CA ALA A 64 3.68 11.89 -18.16
C ALA A 64 3.81 11.25 -19.53
N VAL A 65 2.66 10.99 -20.15
CA VAL A 65 2.59 10.44 -21.50
C VAL A 65 2.04 11.52 -22.43
N TYR A 66 2.80 11.82 -23.49
CA TYR A 66 2.42 12.84 -24.48
C TYR A 66 2.09 12.21 -25.83
N LEU A 67 0.96 12.64 -26.41
CA LEU A 67 0.58 12.30 -27.78
C LEU A 67 0.70 13.54 -28.64
N TRP A 68 1.62 13.47 -29.59
CA TRP A 68 1.99 14.63 -30.42
C TRP A 68 1.63 14.37 -31.85
N ASP A 69 1.28 15.43 -32.59
CA ASP A 69 1.04 15.29 -34.03
C ASP A 69 2.25 15.61 -34.93
N SER A 70 3.36 16.02 -34.32
CA SER A 70 4.60 16.26 -35.06
C SER A 70 5.78 15.62 -34.35
N PRO A 71 6.76 15.10 -35.12
CA PRO A 71 7.88 14.39 -34.52
C PRO A 71 8.89 15.29 -33.81
N GLU A 72 8.96 16.57 -34.17
CA GLU A 72 9.91 17.51 -33.53
C GLU A 72 9.57 17.75 -32.06
N ALA A 73 8.29 17.99 -31.79
CA ALA A 73 7.84 18.28 -30.45
C ALA A 73 8.04 17.05 -29.56
N ALA A 74 7.90 15.87 -30.14
CA ALA A 74 8.08 14.62 -29.42
C ALA A 74 9.44 14.54 -28.72
N TYR A 75 10.46 15.15 -29.35
CA TYR A 75 11.83 15.16 -28.80
C TYR A 75 12.22 16.43 -28.03
N GLY A 76 11.34 17.41 -27.95
CA GLY A 76 11.67 18.64 -27.23
C GLY A 76 11.54 18.46 -25.73
N ARG A 77 11.91 19.49 -24.98
CA ARG A 77 11.60 19.51 -23.55
C ARG A 77 10.09 19.32 -23.35
N PRO A 78 9.71 18.36 -22.50
CA PRO A 78 8.29 18.10 -22.24
C PRO A 78 7.62 19.28 -21.53
N PRO A 79 6.47 19.73 -22.04
CA PRO A 79 5.81 20.90 -21.45
C PRO A 79 4.99 20.55 -20.21
N GLY A 80 4.77 21.53 -19.35
CA GLY A 80 3.92 21.39 -18.20
C GLY A 80 4.41 20.43 -17.12
N VAL A 81 5.73 20.34 -16.93
CA VAL A 81 6.28 19.49 -15.86
C VAL A 81 6.98 20.27 -14.74
N SER A 82 6.88 21.60 -14.76
CA SER A 82 7.63 22.44 -13.82
C SER A 82 7.28 22.21 -12.36
N LYS A 83 5.98 22.14 -12.08
CA LYS A 83 5.54 21.91 -10.72
C LYS A 83 5.99 20.53 -10.22
N VAL A 84 5.78 19.50 -11.05
CA VAL A 84 6.18 18.14 -10.69
C VAL A 84 7.70 18.04 -10.43
N VAL A 85 8.48 18.71 -11.27
CA VAL A 85 9.92 18.76 -11.09
C VAL A 85 10.25 19.42 -9.75
N GLU A 86 9.49 20.45 -9.38
CA GLU A 86 9.69 21.08 -8.06
C GLU A 86 9.28 20.14 -6.93
N LEU A 87 8.19 19.41 -7.10
CA LEU A 87 7.69 18.52 -6.05
C LEU A 87 8.61 17.32 -5.85
N ILE A 88 9.14 16.80 -6.95
CA ILE A 88 10.01 15.63 -6.88
C ILE A 88 11.44 16.03 -6.48
N GLY A 89 11.93 17.13 -7.05
CA GLY A 89 13.27 17.63 -6.76
C GLY A 89 14.28 17.32 -7.86
N TYR A 90 13.81 16.81 -9.00
CA TYR A 90 14.71 16.57 -10.14
C TYR A 90 13.95 16.33 -11.43
N ARG A 91 14.68 16.37 -12.55
CA ARG A 91 14.09 16.18 -13.86
C ARG A 91 13.84 14.69 -14.10
N PRO A 92 13.04 14.36 -15.14
CA PRO A 92 12.78 12.95 -15.45
C PRO A 92 14.04 12.11 -15.45
N THR A 93 13.94 10.89 -14.93
CA THR A 93 15.09 9.99 -14.88
C THR A 93 15.12 9.10 -16.10
N GLU A 94 14.04 9.16 -16.90
CA GLU A 94 13.88 8.28 -18.05
C GLU A 94 12.93 8.88 -19.10
N ARG A 95 13.34 8.81 -20.35
CA ARG A 95 12.53 9.30 -21.47
C ARG A 95 12.46 8.22 -22.55
N ARG A 96 11.25 7.93 -23.02
CA ARG A 96 11.05 6.98 -24.12
C ARG A 96 10.24 7.57 -25.26
N TYR A 97 10.62 7.23 -26.48
CA TYR A 97 9.97 7.79 -27.67
C TYR A 97 9.35 6.69 -28.51
N TYR A 98 8.06 6.83 -28.79
CA TYR A 98 7.35 5.84 -29.59
C TYR A 98 6.63 6.44 -30.77
N SER A 99 6.40 5.60 -31.77
CA SER A 99 5.44 5.91 -32.81
C SER A 99 4.16 5.17 -32.50
N VAL A 100 3.04 5.86 -32.64
CA VAL A 100 1.74 5.20 -32.61
C VAL A 100 1.52 4.53 -33.96
N GLU A 101 1.40 3.20 -33.95
CA GLU A 101 1.17 2.45 -35.19
C GLU A 101 -0.31 2.21 -35.46
N ALA A 102 -1.10 1.99 -34.41
CA ALA A 102 -2.56 1.86 -34.53
C ALA A 102 -3.22 2.15 -33.19
N ALA A 103 -4.33 2.87 -33.23
CA ALA A 103 -5.08 3.24 -32.03
C ALA A 103 -6.58 3.11 -32.24
N THR A 104 -7.26 2.47 -31.29
CA THR A 104 -8.72 2.42 -31.29
C THR A 104 -9.32 3.80 -30.97
N GLU A 105 -10.55 4.04 -31.43
CA GLU A 105 -11.19 5.34 -31.29
C GLU A 105 -12.16 5.39 -30.11
N GLN B 8 -2.63 -6.71 27.99
CA GLN B 8 -2.82 -7.70 26.89
C GLN B 8 -3.83 -7.20 25.85
N LEU B 9 -3.34 -6.95 24.64
CA LEU B 9 -4.16 -6.42 23.56
C LEU B 9 -4.45 -7.45 22.46
N TYR B 10 -5.54 -7.23 21.73
CA TYR B 10 -5.92 -8.12 20.63
C TYR B 10 -6.13 -7.35 19.34
N CYS B 11 -5.82 -7.99 18.22
CA CYS B 11 -5.89 -7.36 16.91
C CYS B 11 -6.76 -8.17 15.95
N THR B 12 -7.82 -7.55 15.46
CA THR B 12 -8.68 -8.19 14.47
C THR B 12 -8.57 -7.44 13.14
N VAL B 13 -8.50 -8.21 12.06
CA VAL B 13 -8.44 -7.63 10.73
C VAL B 13 -9.54 -8.21 9.86
N VAL B 14 -10.24 -7.30 9.19
CA VAL B 14 -11.37 -7.63 8.35
C VAL B 14 -11.00 -7.21 6.93
N LEU B 15 -11.15 -8.12 5.97
CA LEU B 15 -10.71 -7.87 4.60
C LEU B 15 -11.80 -8.17 3.55
N TRP B 16 -11.78 -7.38 2.48
CA TRP B 16 -12.60 -7.64 1.31
C TRP B 16 -11.75 -7.81 0.09
N ASP B 17 -11.88 -8.95 -0.56
CA ASP B 17 -11.42 -9.10 -1.93
C ASP B 17 -12.34 -8.26 -2.80
N LEU B 18 -11.77 -7.29 -3.51
CA LEU B 18 -12.59 -6.36 -4.30
C LEU B 18 -12.83 -6.80 -5.74
N SER B 19 -12.30 -7.95 -6.13
CA SER B 19 -12.37 -8.38 -7.53
C SER B 19 -13.81 -8.60 -8.01
N ARG B 20 -14.71 -8.89 -7.07
CA ARG B 20 -16.11 -9.18 -7.38
C ARG B 20 -17.05 -7.97 -7.19
N SER B 21 -16.48 -6.82 -6.85
CA SER B 21 -17.28 -5.62 -6.61
C SER B 21 -17.01 -4.58 -7.69
N ALA B 22 -17.93 -3.64 -7.85
CA ALA B 22 -17.67 -2.48 -8.71
C ALA B 22 -16.62 -1.57 -8.05
N ALA B 23 -16.52 -1.67 -6.74
CA ALA B 23 -15.59 -0.85 -5.97
C ALA B 23 -14.14 -1.26 -6.23
N THR B 24 -13.27 -0.26 -6.21
CA THR B 24 -11.85 -0.46 -6.35
C THR B 24 -11.18 0.23 -5.18
N VAL B 25 -9.90 -0.03 -5.00
CA VAL B 25 -9.13 0.69 -3.99
C VAL B 25 -9.26 2.18 -4.24
N ALA B 26 -9.12 2.58 -5.51
CA ALA B 26 -9.21 3.99 -5.89
C ALA B 26 -10.56 4.62 -5.56
N SER B 27 -11.66 3.95 -5.91
CA SER B 27 -12.98 4.52 -5.64
C SER B 27 -13.33 4.54 -4.16
N LEU B 28 -12.90 3.52 -3.41
CA LEU B 28 -13.10 3.52 -1.95
C LEU B 28 -12.25 4.60 -1.29
N ARG B 29 -11.03 4.79 -1.78
CA ARG B 29 -10.15 5.87 -1.31
C ARG B 29 -10.82 7.23 -1.52
N ALA B 30 -11.39 7.44 -2.69
CA ALA B 30 -12.07 8.70 -3.02
C ALA B 30 -13.30 8.92 -2.14
N TYR B 31 -14.11 7.86 -1.96
CA TYR B 31 -15.28 7.95 -1.09
C TYR B 31 -14.87 8.30 0.33
N LEU B 32 -13.85 7.60 0.84
CA LEU B 32 -13.27 7.88 2.15
C LEU B 32 -12.83 9.34 2.27
N ARG B 33 -12.13 9.84 1.24
CA ARG B 33 -11.67 11.23 1.20
C ARG B 33 -12.81 12.25 1.28
N ASP B 34 -13.93 11.95 0.63
CA ASP B 34 -15.04 12.89 0.53
C ASP B 34 -16.14 12.67 1.57
N HIS B 35 -15.88 11.82 2.56
CA HIS B 35 -16.85 11.54 3.62
C HIS B 35 -16.22 11.40 4.97
N VAL B 43 -16.49 3.60 21.30
CA VAL B 43 -16.87 2.20 21.26
C VAL B 43 -16.03 1.40 22.28
N PRO B 44 -16.70 0.77 23.27
CA PRO B 44 -16.05 0.11 24.41
C PRO B 44 -15.02 -0.96 24.01
N GLY B 45 -13.78 -0.78 24.48
CA GLY B 45 -12.71 -1.73 24.23
C GLY B 45 -11.84 -1.41 23.03
N LEU B 46 -12.34 -0.57 22.13
CA LEU B 46 -11.63 -0.22 20.91
C LEU B 46 -10.56 0.82 21.14
N ARG B 47 -9.30 0.41 21.02
CA ARG B 47 -8.17 1.33 21.16
C ARG B 47 -7.85 2.05 19.85
N GLN B 48 -7.90 1.33 18.74
CA GLN B 48 -7.49 1.88 17.45
C GLN B 48 -8.21 1.24 16.27
N LYS B 49 -8.58 2.07 15.30
CA LYS B 49 -9.17 1.61 14.05
C LYS B 49 -8.37 2.14 12.86
N THR B 50 -7.97 1.24 11.97
CA THR B 50 -7.18 1.62 10.80
C THR B 50 -7.69 0.94 9.52
N TRP B 51 -7.99 1.76 8.51
CA TRP B 51 -8.32 1.27 7.16
C TRP B 51 -7.07 0.97 6.39
N ILE B 52 -7.07 -0.14 5.67
CA ILE B 52 -5.92 -0.52 4.86
C ILE B 52 -6.35 -0.93 3.44
N SER B 53 -5.40 -0.95 2.52
CA SER B 53 -5.67 -1.44 1.17
C SER B 53 -4.49 -2.14 0.55
N SER B 54 -4.76 -2.90 -0.51
CA SER B 54 -3.73 -3.64 -1.19
C SER B 54 -4.03 -3.64 -2.67
N THR B 55 -2.99 -3.44 -3.49
CA THR B 55 -3.10 -3.52 -4.95
C THR B 55 -1.96 -4.35 -5.51
N GLY B 56 -1.96 -4.58 -6.80
CA GLY B 56 -0.87 -5.33 -7.43
C GLY B 56 -1.34 -6.63 -8.05
N PRO B 57 -0.40 -7.45 -8.55
CA PRO B 57 -0.80 -8.62 -9.33
C PRO B 57 -1.64 -9.61 -8.52
N GLU B 58 -1.43 -9.67 -7.21
CA GLU B 58 -2.18 -10.58 -6.34
C GLU B 58 -3.67 -10.20 -6.18
N GLY B 59 -4.02 -8.96 -6.49
CA GLY B 59 -5.42 -8.53 -6.45
C GLY B 59 -5.71 -7.39 -5.48
N GLU B 60 -6.83 -6.72 -5.69
CA GLU B 60 -7.17 -5.57 -4.87
C GLU B 60 -7.86 -5.98 -3.59
N GLN B 61 -7.54 -5.28 -2.51
CA GLN B 61 -8.15 -5.53 -1.21
C GLN B 61 -8.41 -4.25 -0.47
N TRP B 62 -9.46 -4.27 0.33
CA TRP B 62 -9.76 -3.22 1.28
C TRP B 62 -9.95 -3.89 2.61
N GLY B 63 -9.59 -3.19 3.69
CA GLY B 63 -9.71 -3.78 5.01
C GLY B 63 -9.64 -2.80 6.16
N ALA B 64 -10.04 -3.28 7.33
CA ALA B 64 -9.98 -2.51 8.56
C ALA B 64 -9.20 -3.30 9.61
N VAL B 65 -8.31 -2.63 10.33
CA VAL B 65 -7.56 -3.25 11.42
C VAL B 65 -8.02 -2.64 12.74
N TYR B 66 -8.38 -3.51 13.69
CA TYR B 66 -8.85 -3.05 15.00
C TYR B 66 -7.90 -3.49 16.10
N LEU B 67 -7.67 -2.59 17.06
CA LEU B 67 -6.93 -2.91 18.26
C LEU B 67 -7.89 -2.91 19.45
N TRP B 68 -8.01 -4.06 20.13
CA TRP B 68 -8.88 -4.20 21.30
C TRP B 68 -8.12 -4.50 22.56
N ASP B 69 -8.72 -4.22 23.71
CA ASP B 69 -8.10 -4.55 25.00
C ASP B 69 -8.77 -5.75 25.68
N SER B 70 -9.84 -6.26 25.07
CA SER B 70 -10.52 -7.46 25.54
C SER B 70 -10.81 -8.42 24.37
N PRO B 71 -10.71 -9.74 24.61
CA PRO B 71 -10.97 -10.71 23.55
C PRO B 71 -12.45 -10.79 23.16
N GLU B 72 -13.33 -10.41 24.09
CA GLU B 72 -14.77 -10.40 23.83
C GLU B 72 -15.15 -9.36 22.79
N ALA B 73 -14.73 -8.12 23.03
CA ALA B 73 -14.99 -7.01 22.11
C ALA B 73 -14.41 -7.29 20.73
N ALA B 74 -13.25 -7.95 20.71
CA ALA B 74 -12.57 -8.36 19.48
C ALA B 74 -13.39 -9.37 18.67
N TYR B 75 -14.09 -10.25 19.37
CA TYR B 75 -14.97 -11.22 18.71
C TYR B 75 -16.31 -10.63 18.32
N GLY B 76 -16.66 -9.50 18.93
CA GLY B 76 -17.87 -8.76 18.57
C GLY B 76 -17.82 -8.28 17.13
N ARG B 77 -18.99 -8.05 16.55
CA ARG B 77 -19.07 -7.57 15.17
C ARG B 77 -18.34 -6.23 15.00
N PRO B 78 -17.48 -6.14 13.97
CA PRO B 78 -16.64 -4.96 13.74
C PRO B 78 -17.47 -3.69 13.51
N PRO B 79 -17.17 -2.63 14.28
CA PRO B 79 -17.87 -1.35 14.13
C PRO B 79 -17.36 -0.55 12.93
N GLY B 80 -18.23 0.30 12.38
CA GLY B 80 -17.89 1.15 11.24
C GLY B 80 -17.66 0.39 9.94
N VAL B 81 -18.09 -0.86 9.92
CA VAL B 81 -17.94 -1.74 8.77
C VAL B 81 -19.22 -1.73 7.92
N SER B 82 -20.34 -1.40 8.56
CA SER B 82 -21.65 -1.31 7.93
C SER B 82 -21.65 -0.53 6.62
N LYS B 83 -21.08 0.67 6.64
CA LYS B 83 -21.06 1.56 5.47
C LYS B 83 -20.27 0.95 4.31
N VAL B 84 -19.13 0.36 4.64
CA VAL B 84 -18.22 -0.22 3.67
C VAL B 84 -18.84 -1.43 2.97
N VAL B 85 -19.52 -2.27 3.76
CA VAL B 85 -20.26 -3.42 3.23
C VAL B 85 -21.27 -2.97 2.18
N GLU B 86 -21.90 -1.82 2.41
CA GLU B 86 -22.81 -1.21 1.43
C GLU B 86 -22.07 -0.73 0.18
N LEU B 87 -20.87 -0.17 0.36
CA LEU B 87 -20.07 0.36 -0.75
C LEU B 87 -19.49 -0.74 -1.63
N ILE B 88 -19.11 -1.84 -1.01
CA ILE B 88 -18.50 -2.96 -1.73
C ILE B 88 -19.57 -3.93 -2.25
N GLY B 89 -20.65 -4.09 -1.49
CA GLY B 89 -21.76 -4.92 -1.92
C GLY B 89 -21.85 -6.28 -1.25
N TYR B 90 -20.86 -6.62 -0.43
CA TYR B 90 -20.87 -7.87 0.34
C TYR B 90 -20.11 -7.75 1.66
N ARG B 91 -20.36 -8.72 2.54
CA ARG B 91 -19.64 -8.84 3.81
C ARG B 91 -18.17 -9.14 3.53
N PRO B 92 -17.29 -8.91 4.51
CA PRO B 92 -15.87 -9.28 4.39
C PRO B 92 -15.66 -10.71 3.91
N THR B 93 -14.64 -10.92 3.08
CA THR B 93 -14.33 -12.23 2.55
C THR B 93 -13.29 -12.94 3.42
N GLU B 94 -12.73 -12.22 4.38
CA GLU B 94 -11.69 -12.80 5.23
C GLU B 94 -11.59 -12.08 6.57
N ARG B 95 -11.50 -12.86 7.64
CA ARG B 95 -11.34 -12.34 9.00
C ARG B 95 -10.19 -13.06 9.70
N ARG B 96 -9.31 -12.30 10.32
CA ARG B 96 -8.19 -12.86 11.09
C ARG B 96 -8.14 -12.29 12.51
N TYR B 97 -7.64 -13.11 13.44
CA TYR B 97 -7.66 -12.78 14.86
C TYR B 97 -6.30 -13.02 15.49
N TYR B 98 -5.77 -12.01 16.17
CA TYR B 98 -4.42 -12.09 16.73
C TYR B 98 -4.36 -11.59 18.16
N SER B 99 -3.44 -12.17 18.93
CA SER B 99 -3.00 -11.58 20.19
C SER B 99 -1.78 -10.72 19.93
N VAL B 100 -1.79 -9.50 20.48
CA VAL B 100 -0.63 -8.64 20.43
C VAL B 100 0.35 -9.10 21.50
N GLU B 101 1.58 -9.39 21.08
CA GLU B 101 2.62 -9.89 21.97
C GLU B 101 3.51 -8.76 22.48
N ALA B 102 3.91 -7.86 21.58
CA ALA B 102 4.68 -6.66 21.93
C ALA B 102 4.49 -5.57 20.88
N ALA B 103 4.45 -4.31 21.35
CA ALA B 103 4.28 -3.16 20.47
C ALA B 103 5.18 -1.98 20.91
N THR B 104 5.65 -1.20 19.94
CA THR B 104 6.52 -0.05 20.23
C THR B 104 5.70 1.15 20.75
N ALA C 6 6.11 10.29 5.76
CA ALA C 6 5.78 11.49 6.60
C ALA C 6 4.33 11.45 7.10
N GLN C 7 3.38 11.33 6.18
CA GLN C 7 1.97 11.24 6.53
C GLN C 7 1.33 9.96 5.99
N GLN C 8 1.59 9.63 4.73
CA GLN C 8 1.17 8.34 4.18
C GLN C 8 2.03 7.23 4.77
N LEU C 9 1.36 6.23 5.34
CA LEU C 9 2.06 5.12 5.98
C LEU C 9 1.86 3.83 5.20
N TYR C 10 2.82 2.94 5.30
CA TYR C 10 2.83 1.69 4.53
C TYR C 10 3.05 0.52 5.48
N CYS C 11 2.29 -0.54 5.30
CA CYS C 11 2.28 -1.64 6.24
C CYS C 11 2.76 -2.92 5.60
N THR C 12 3.67 -3.61 6.28
CA THR C 12 4.11 -4.94 5.87
C THR C 12 3.78 -5.91 6.98
N VAL C 13 3.26 -7.08 6.59
CA VAL C 13 2.89 -8.11 7.54
C VAL C 13 3.64 -9.37 7.16
N VAL C 14 4.33 -9.95 8.14
CA VAL C 14 5.15 -11.13 7.91
C VAL C 14 4.70 -12.24 8.86
N LEU C 15 4.36 -13.39 8.29
CA LEU C 15 3.78 -14.47 9.07
C LEU C 15 4.46 -15.82 8.88
N TRP C 16 4.62 -16.55 9.99
CA TRP C 16 5.09 -17.92 9.96
C TRP C 16 4.00 -18.83 10.44
N ASP C 17 3.74 -19.88 9.66
CA ASP C 17 2.91 -20.99 10.11
C ASP C 17 3.82 -21.98 10.83
N LEU C 18 3.49 -22.29 12.09
CA LEU C 18 4.37 -23.09 12.95
C LEU C 18 4.01 -24.58 13.02
N SER C 19 3.30 -25.05 12.00
CA SER C 19 2.92 -26.47 11.91
C SER C 19 4.14 -27.34 11.63
N ARG C 20 5.05 -26.84 10.79
CA ARG C 20 6.24 -27.58 10.37
C ARG C 20 7.48 -27.17 11.16
N SER C 21 7.26 -26.67 12.38
CA SER C 21 8.35 -26.22 13.25
C SER C 21 8.08 -26.57 14.71
N ALA C 22 9.13 -27.03 15.39
CA ALA C 22 9.06 -27.41 16.80
C ALA C 22 8.84 -26.20 17.72
N ALA C 23 8.98 -25.01 17.15
CA ALA C 23 8.66 -23.77 17.87
C ALA C 23 7.15 -23.60 17.99
N THR C 24 6.73 -23.01 19.11
CA THR C 24 5.32 -22.72 19.37
C THR C 24 5.17 -21.27 19.80
N VAL C 25 3.92 -20.82 19.93
CA VAL C 25 3.62 -19.48 20.44
C VAL C 25 4.19 -19.29 21.85
N ALA C 26 4.11 -20.33 22.66
CA ALA C 26 4.65 -20.31 24.03
C ALA C 26 6.17 -20.10 24.03
N SER C 27 6.88 -20.92 23.26
CA SER C 27 8.34 -20.86 23.20
C SER C 27 8.85 -19.53 22.65
N LEU C 28 8.13 -19.00 21.66
CA LEU C 28 8.49 -17.74 21.04
C LEU C 28 8.12 -16.53 21.91
N ARG C 29 7.09 -16.69 22.75
CA ARG C 29 6.73 -15.65 23.72
C ARG C 29 7.80 -15.56 24.81
N ALA C 30 8.33 -16.71 25.21
CA ALA C 30 9.40 -16.79 26.22
C ALA C 30 10.71 -16.16 25.73
N TYR C 31 11.09 -16.48 24.48
CA TYR C 31 12.30 -15.91 23.87
C TYR C 31 12.20 -14.40 23.67
N LEU C 32 10.97 -13.90 23.62
CA LEU C 32 10.71 -12.47 23.56
C LEU C 32 10.80 -11.85 24.95
N ARG C 33 10.35 -12.59 25.96
CA ARG C 33 10.40 -12.15 27.35
C ARG C 33 11.84 -12.05 27.87
N ASP C 34 12.63 -13.09 27.62
CA ASP C 34 14.03 -13.13 28.02
C ASP C 34 14.88 -12.20 27.17
N HIS C 35 14.82 -12.37 25.85
CA HIS C 35 15.56 -11.53 24.91
C HIS C 35 14.64 -10.52 24.22
N THR C 42 13.21 2.07 16.66
CA THR C 42 14.23 3.09 16.43
C THR C 42 14.90 2.97 15.04
N VAL C 43 14.46 1.98 14.26
CA VAL C 43 14.90 1.79 12.88
C VAL C 43 14.40 2.96 12.01
N PRO C 44 15.29 3.56 11.20
CA PRO C 44 14.91 4.66 10.31
C PRO C 44 13.75 4.32 9.38
N GLY C 45 12.73 5.16 9.40
CA GLY C 45 11.55 4.98 8.56
C GLY C 45 10.43 4.20 9.23
N LEU C 46 10.78 3.44 10.26
CA LEU C 46 9.83 2.54 10.94
C LEU C 46 9.10 3.26 12.07
N ARG C 47 7.80 3.48 11.90
CA ARG C 47 6.98 4.15 12.92
C ARG C 47 6.58 3.20 14.04
N GLN C 48 6.27 1.96 13.67
CA GLN C 48 5.75 0.99 14.63
C GLN C 48 6.08 -0.43 14.19
N LYS C 49 6.42 -1.25 15.18
CA LYS C 49 6.68 -2.68 14.99
C LYS C 49 5.90 -3.45 16.04
N THR C 50 5.09 -4.39 15.60
CA THR C 50 4.24 -5.15 16.51
C THR C 50 4.38 -6.65 16.26
N TRP C 51 4.66 -7.39 17.33
CA TRP C 51 4.65 -8.86 17.29
C TRP C 51 3.26 -9.36 17.55
N ILE C 52 2.81 -10.29 16.72
CA ILE C 52 1.47 -10.85 16.84
C ILE C 52 1.52 -12.37 16.82
N SER C 53 0.45 -13.00 17.31
CA SER C 53 0.33 -14.45 17.29
C SER C 53 -1.13 -14.87 17.14
N SER C 54 -1.34 -16.12 16.72
CA SER C 54 -2.69 -16.70 16.68
C SER C 54 -2.69 -18.19 16.98
N THR C 55 -3.64 -18.61 17.81
CA THR C 55 -3.88 -20.03 18.07
C THR C 55 -5.29 -20.40 17.62
N GLY C 56 -5.45 -21.64 17.18
CA GLY C 56 -6.75 -22.15 16.77
C GLY C 56 -6.63 -23.54 16.18
N PRO C 57 -7.77 -24.12 15.75
CA PRO C 57 -7.80 -25.43 15.08
C PRO C 57 -6.97 -25.41 13.80
N GLU C 58 -6.94 -24.25 13.13
CA GLU C 58 -6.15 -24.02 11.93
C GLU C 58 -4.66 -24.26 12.20
N GLY C 59 -4.23 -23.96 13.42
CA GLY C 59 -2.83 -24.09 13.83
C GLY C 59 -2.28 -22.82 14.43
N GLU C 60 -1.02 -22.88 14.86
CA GLU C 60 -0.35 -21.73 15.46
C GLU C 60 0.34 -20.84 14.42
N GLN C 61 0.33 -19.54 14.68
CA GLN C 61 1.00 -18.56 13.80
C GLN C 61 1.74 -17.49 14.59
N TRP C 62 2.93 -17.14 14.09
CA TRP C 62 3.70 -16.03 14.63
C TRP C 62 3.93 -15.02 13.53
N GLY C 63 3.99 -13.75 13.90
CA GLY C 63 4.15 -12.70 12.91
C GLY C 63 4.60 -11.35 13.44
N ALA C 64 4.81 -10.43 12.50
CA ALA C 64 5.19 -9.06 12.83
C ALA C 64 4.51 -8.07 11.89
N VAL C 65 4.03 -6.97 12.45
CA VAL C 65 3.39 -5.91 11.67
C VAL C 65 4.24 -4.64 11.73
N TYR C 66 4.66 -4.17 10.55
CA TYR C 66 5.56 -3.03 10.44
C TYR C 66 4.86 -1.85 9.80
N LEU C 67 4.90 -0.71 10.48
CA LEU C 67 4.41 0.55 9.92
C LEU C 67 5.60 1.39 9.45
N TRP C 68 5.65 1.65 8.15
CA TRP C 68 6.75 2.42 7.56
C TRP C 68 6.29 3.76 7.08
N ASP C 69 7.23 4.71 6.98
CA ASP C 69 6.89 6.04 6.50
C ASP C 69 7.34 6.29 5.05
N SER C 70 7.89 5.26 4.42
CA SER C 70 8.27 5.31 3.01
C SER C 70 7.91 3.99 2.31
N PRO C 71 7.56 4.05 1.02
CA PRO C 71 7.13 2.87 0.29
C PRO C 71 8.23 1.83 0.06
N GLU C 72 9.47 2.29 -0.18
CA GLU C 72 10.62 1.40 -0.39
C GLU C 72 10.89 0.49 0.81
N ALA C 73 10.81 1.06 2.01
CA ALA C 73 11.14 0.33 3.23
C ALA C 73 10.23 -0.87 3.40
N ALA C 74 8.97 -0.72 2.99
CA ALA C 74 7.97 -1.78 3.10
C ALA C 74 8.41 -3.07 2.39
N TYR C 75 9.24 -2.94 1.37
CA TYR C 75 9.73 -4.09 0.62
C TYR C 75 11.12 -4.55 1.06
N GLY C 76 11.79 -3.74 1.87
CA GLY C 76 13.08 -4.11 2.44
C GLY C 76 12.96 -5.37 3.30
N ARG C 77 14.10 -5.97 3.62
CA ARG C 77 14.13 -7.11 4.53
C ARG C 77 13.68 -6.59 5.91
N PRO C 78 12.61 -7.20 6.45
CA PRO C 78 12.02 -6.74 7.71
C PRO C 78 13.00 -6.92 8.88
N PRO C 79 13.18 -5.86 9.69
CA PRO C 79 14.10 -5.87 10.82
C PRO C 79 13.67 -6.87 11.89
N GLY C 80 14.65 -7.47 12.56
CA GLY C 80 14.39 -8.43 13.64
C GLY C 80 13.74 -9.73 13.18
N VAL C 81 13.91 -10.06 11.91
CA VAL C 81 13.34 -11.27 11.32
C VAL C 81 14.38 -12.40 11.25
N SER C 82 15.65 -12.01 11.04
CA SER C 82 16.76 -12.96 10.98
C SER C 82 16.86 -13.82 12.25
N LYS C 83 16.71 -13.19 13.41
CA LYS C 83 16.75 -13.87 14.71
C LYS C 83 15.56 -14.82 14.91
N VAL C 84 14.40 -14.44 14.38
CA VAL C 84 13.18 -15.25 14.48
C VAL C 84 13.23 -16.41 13.47
N VAL C 85 13.87 -16.17 12.32
CA VAL C 85 14.05 -17.19 11.29
C VAL C 85 14.81 -18.42 11.81
N GLU C 86 15.94 -18.18 12.48
CA GLU C 86 16.74 -19.27 13.04
C GLU C 86 16.07 -19.95 14.24
N LEU C 87 15.21 -19.21 14.94
CA LEU C 87 14.44 -19.74 16.07
C LEU C 87 13.29 -20.64 15.61
N ILE C 88 12.67 -20.28 14.49
CA ILE C 88 11.55 -21.06 13.93
C ILE C 88 12.07 -22.17 13.01
N GLY C 89 13.02 -21.83 12.14
CA GLY C 89 13.65 -22.82 11.28
C GLY C 89 13.57 -22.55 9.79
N TYR C 90 12.72 -21.61 9.38
CA TYR C 90 12.55 -21.29 7.96
C TYR C 90 12.11 -19.85 7.66
N ARG C 91 12.13 -19.51 6.38
CA ARG C 91 11.62 -18.23 5.86
C ARG C 91 10.10 -18.13 6.14
N PRO C 92 9.61 -16.90 6.44
CA PRO C 92 8.17 -16.63 6.60
C PRO C 92 7.31 -17.28 5.53
N THR C 93 6.20 -17.87 5.96
CA THR C 93 5.30 -18.56 5.04
C THR C 93 4.45 -17.55 4.28
N GLU C 94 4.17 -16.41 4.90
CA GLU C 94 3.35 -15.39 4.27
C GLU C 94 3.88 -13.98 4.47
N ARG C 95 3.76 -13.16 3.44
CA ARG C 95 4.14 -11.76 3.50
C ARG C 95 3.17 -10.89 2.71
N ARG C 96 2.55 -9.91 3.38
CA ARG C 96 1.59 -9.01 2.74
C ARG C 96 1.96 -7.54 2.86
N TYR C 97 1.51 -6.74 1.89
CA TYR C 97 1.84 -5.33 1.77
C TYR C 97 0.59 -4.49 1.66
N TYR C 98 0.47 -3.50 2.54
CA TYR C 98 -0.70 -2.64 2.56
C TYR C 98 -0.35 -1.17 2.58
N SER C 99 -1.30 -0.35 2.17
CA SER C 99 -1.24 1.07 2.44
C SER C 99 -2.21 1.37 3.55
N VAL C 100 -1.79 2.19 4.49
CA VAL C 100 -2.70 2.71 5.50
C VAL C 100 -3.52 3.80 4.84
N GLU C 101 -4.83 3.62 4.81
CA GLU C 101 -5.73 4.60 4.20
C GLU C 101 -6.28 5.59 5.23
N ALA C 102 -6.53 5.12 6.44
CA ALA C 102 -7.03 5.97 7.53
C ALA C 102 -6.81 5.31 8.90
N ALA C 103 -6.13 6.02 9.80
CA ALA C 103 -5.86 5.52 11.16
C ALA C 103 -6.35 6.49 12.24
S1 DTT D . 1.13 16.85 -9.64
C1 DTT D . 0.45 17.81 -11.00
C2 DTT D . 1.26 19.06 -11.29
O2 DTT D . 0.52 20.26 -11.14
C3 DTT D . 1.65 19.03 -12.74
O3 DTT D . 0.47 18.91 -13.53
C4 DTT D . 2.32 20.33 -13.09
S4 DTT D . 4.04 19.97 -13.53
#